data_2MUA
# 
_entry.id   2MUA 
# 
_audit_conform.dict_name       mmcif_pdbx.dic 
_audit_conform.dict_version    5.391 
_audit_conform.dict_location   http://mmcif.pdb.org/dictionaries/ascii/mmcif_pdbx.dic 
# 
loop_
_database_2.database_id 
_database_2.database_code 
_database_2.pdbx_database_accession 
_database_2.pdbx_DOI 
PDB   2MUA         pdb_00002mua 10.2210/pdb2mua/pdb 
RCSB  RCSB104053   ?            ?                   
BMRB  25204        ?            10.13018/BMR25204   
WWPDB D_1000104053 ?            ?                   
# 
loop_
_pdbx_audit_revision_history.ordinal 
_pdbx_audit_revision_history.data_content_type 
_pdbx_audit_revision_history.major_revision 
_pdbx_audit_revision_history.minor_revision 
_pdbx_audit_revision_history.revision_date 
1 'Structure model' 1 0 2015-09-16 
2 'Structure model' 1 1 2024-05-01 
# 
_pdbx_audit_revision_details.ordinal             1 
_pdbx_audit_revision_details.revision_ordinal    1 
_pdbx_audit_revision_details.data_content_type   'Structure model' 
_pdbx_audit_revision_details.provider            repository 
_pdbx_audit_revision_details.type                'Initial release' 
_pdbx_audit_revision_details.description         ? 
_pdbx_audit_revision_details.details             ? 
# 
loop_
_pdbx_audit_revision_group.ordinal 
_pdbx_audit_revision_group.revision_ordinal 
_pdbx_audit_revision_group.data_content_type 
_pdbx_audit_revision_group.group 
1 2 'Structure model' 'Data collection'     
2 2 'Structure model' 'Database references' 
# 
loop_
_pdbx_audit_revision_category.ordinal 
_pdbx_audit_revision_category.revision_ordinal 
_pdbx_audit_revision_category.data_content_type 
_pdbx_audit_revision_category.category 
1 2 'Structure model' chem_comp_atom     
2 2 'Structure model' chem_comp_bond     
3 2 'Structure model' database_2         
4 2 'Structure model' pdbx_nmr_software  
5 2 'Structure model' struct_ref_seq_dif 
# 
loop_
_pdbx_audit_revision_item.ordinal 
_pdbx_audit_revision_item.revision_ordinal 
_pdbx_audit_revision_item.data_content_type 
_pdbx_audit_revision_item.item 
1 2 'Structure model' '_database_2.pdbx_DOI'                
2 2 'Structure model' '_database_2.pdbx_database_accession' 
3 2 'Structure model' '_pdbx_nmr_software.name'             
4 2 'Structure model' '_struct_ref_seq_dif.details'         
# 
_pdbx_database_status.deposit_site                    BMRB 
_pdbx_database_status.entry_id                        2MUA 
_pdbx_database_status.process_site                    RCSB 
_pdbx_database_status.recvd_initial_deposition_date   2014-09-05 
_pdbx_database_status.SG_entry                        ? 
_pdbx_database_status.status_code                     REL 
_pdbx_database_status.status_code_mr                  REL 
_pdbx_database_status.status_code_sf                  ? 
_pdbx_database_status.status_code_cs                  REL 
_pdbx_database_status.methods_development_category    ? 
_pdbx_database_status.pdb_format_compatible           Y 
_pdbx_database_status.status_code_nmr_data            ? 
# 
_pdbx_database_related.db_id          25204 
_pdbx_database_related.db_name        BMRB 
_pdbx_database_related.content_type   unspecified 
_pdbx_database_related.details        . 
# 
loop_
_audit_author.name 
_audit_author.pdbx_ordinal 
'Cifuentes, G.' 1 
'Bermudez, A.'  2 
'Rodriguez, R.' 3 
'Patarroyo, M.' 4 
# 
_citation.id                        primary 
_citation.title                     
;Shifting the polarity of some critical residues in malarial peptides' binding to host cells is a key factor in breaking conserved antigens' code of silence.
;
_citation.journal_abbrev            'MEDICINAL CHEMISTRY' 
_citation.journal_volume            4 
_citation.page_first                278 
_citation.page_last                 292 
_citation.year                      2008 
_citation.journal_id_ASTM           ? 
_citation.country                   US 
_citation.journal_id_ISSN           1573-4064 
_citation.journal_id_CSD            ? 
_citation.book_publisher            ? 
_citation.pdbx_database_id_PubMed   18473921 
_citation.pdbx_database_id_DOI      ? 
# 
loop_
_citation_author.citation_id 
_citation_author.name 
_citation_author.ordinal 
_citation_author.identifier_ORCID 
primary 'Cifuentes, G.'   1 ? 
primary 'Bermudez, A.'    2 ? 
primary 'Rodriguez, R.'   3 ? 
primary 'Patarroyo, M.A.' 4 ? 
primary 'Patarroyo, M.E.' 5 ? 
# 
_entity.id                         1 
_entity.type                       polymer 
_entity.src_method                 syn 
_entity.pdbx_description           'Ring-infected erythrocyte surface antigen' 
_entity.formula_weight             2457.888 
_entity.pdbx_number_of_molecules   1 
_entity.pdbx_ec                    ? 
_entity.pdbx_mutation              ? 
_entity.pdbx_fragment              'UNP residues 180-200' 
_entity.details                    ? 
# 
_entity_poly.entity_id                      1 
_entity_poly.type                           'polypeptide(L)' 
_entity_poly.nstd_linkage                   no 
_entity_poly.nstd_monomer                   no 
_entity_poly.pdbx_seq_one_letter_code       YLGRSGGDIIKKMQTLWDEIM 
_entity_poly.pdbx_seq_one_letter_code_can   YLGRSGGDIIKKMQTLWDEIM 
_entity_poly.pdbx_strand_id                 A 
_entity_poly.pdbx_target_identifier         ? 
# 
loop_
_entity_poly_seq.entity_id 
_entity_poly_seq.num 
_entity_poly_seq.mon_id 
_entity_poly_seq.hetero 
1 1  TYR n 
1 2  LEU n 
1 3  GLY n 
1 4  ARG n 
1 5  SER n 
1 6  GLY n 
1 7  GLY n 
1 8  ASP n 
1 9  ILE n 
1 10 ILE n 
1 11 LYS n 
1 12 LYS n 
1 13 MET n 
1 14 GLN n 
1 15 THR n 
1 16 LEU n 
1 17 TRP n 
1 18 ASP n 
1 19 GLU n 
1 20 ILE n 
1 21 MET n 
# 
_pdbx_entity_src_syn.entity_id              1 
_pdbx_entity_src_syn.pdbx_src_id            1 
_pdbx_entity_src_syn.pdbx_alt_source_flag   sample 
_pdbx_entity_src_syn.pdbx_beg_seq_num       ? 
_pdbx_entity_src_syn.pdbx_end_seq_num       ? 
_pdbx_entity_src_syn.organism_scientific    'Plasmodium falciparum' 
_pdbx_entity_src_syn.organism_common_name   ? 
_pdbx_entity_src_syn.ncbi_taxonomy_id       5837 
_pdbx_entity_src_syn.details                ? 
# 
loop_
_chem_comp.id 
_chem_comp.type 
_chem_comp.mon_nstd_flag 
_chem_comp.name 
_chem_comp.pdbx_synonyms 
_chem_comp.formula 
_chem_comp.formula_weight 
ARG 'L-peptide linking' y ARGININE        ? 'C6 H15 N4 O2 1' 175.209 
ASN 'L-peptide linking' y ASPARAGINE      ? 'C4 H8 N2 O3'    132.118 
ASP 'L-peptide linking' y 'ASPARTIC ACID' ? 'C4 H7 N O4'     133.103 
GLN 'L-peptide linking' y GLUTAMINE       ? 'C5 H10 N2 O3'   146.144 
GLU 'L-peptide linking' y 'GLUTAMIC ACID' ? 'C5 H9 N O4'     147.129 
GLY 'peptide linking'   y GLYCINE         ? 'C2 H5 N O2'     75.067  
ILE 'L-peptide linking' y ISOLEUCINE      ? 'C6 H13 N O2'    131.173 
LEU 'L-peptide linking' y LEUCINE         ? 'C6 H13 N O2'    131.173 
LYS 'L-peptide linking' y LYSINE          ? 'C6 H15 N2 O2 1' 147.195 
MET 'L-peptide linking' y METHIONINE      ? 'C5 H11 N O2 S'  149.211 
SER 'L-peptide linking' y SERINE          ? 'C3 H7 N O3'     105.093 
THR 'L-peptide linking' y THREONINE       ? 'C4 H9 N O3'     119.119 
TRP 'L-peptide linking' y TRYPTOPHAN      ? 'C11 H12 N2 O2'  204.225 
TYR 'L-peptide linking' y TYROSINE        ? 'C9 H11 N O3'    181.189 
# 
loop_
_pdbx_poly_seq_scheme.asym_id 
_pdbx_poly_seq_scheme.entity_id 
_pdbx_poly_seq_scheme.seq_id 
_pdbx_poly_seq_scheme.mon_id 
_pdbx_poly_seq_scheme.ndb_seq_num 
_pdbx_poly_seq_scheme.pdb_seq_num 
_pdbx_poly_seq_scheme.auth_seq_num 
_pdbx_poly_seq_scheme.pdb_mon_id 
_pdbx_poly_seq_scheme.auth_mon_id 
_pdbx_poly_seq_scheme.pdb_strand_id 
_pdbx_poly_seq_scheme.pdb_ins_code 
_pdbx_poly_seq_scheme.hetero 
A 1 1  TYR 1  1  1  TYR TYR A . n 
A 1 2  LEU 2  2  2  LEU LEU A . n 
A 1 3  GLY 3  3  3  GLY GLY A . n 
A 1 4  ARG 4  4  4  ARG ARG A . n 
A 1 5  SER 5  5  5  SER SER A . n 
A 1 6  GLY 6  6  6  GLY GLY A . n 
A 1 7  GLY 7  7  7  GLY GLY A . n 
A 1 8  ASP 8  8  8  ASP ASP A . n 
A 1 9  ILE 9  9  9  ILE ILE A . n 
A 1 10 ILE 10 10 10 ILE ILE A . n 
A 1 11 LYS 11 11 11 LYS LYS A . n 
A 1 12 LYS 12 12 12 LYS LYS A . n 
A 1 13 MET 13 13 13 MET MET A . n 
A 1 14 GLN 14 14 14 GLN GLN A . n 
A 1 15 THR 15 15 15 THR THR A . n 
A 1 16 LEU 16 16 16 LEU LEU A . n 
A 1 17 TRP 17 17 17 TRP TRP A . n 
A 1 18 ASP 18 18 18 ASP ASP A . n 
A 1 19 GLU 19 19 19 GLU GLU A . n 
A 1 20 ILE 20 20 20 ILE ILE A . n 
A 1 21 MET 21 21 21 MET MET A . n 
# 
_exptl.absorpt_coefficient_mu     ? 
_exptl.absorpt_correction_T_max   ? 
_exptl.absorpt_correction_T_min   ? 
_exptl.absorpt_correction_type    ? 
_exptl.absorpt_process_details    ? 
_exptl.crystals_number            ? 
_exptl.details                    ? 
_exptl.entry_id                   2MUA 
_exptl.method                     'SOLUTION NMR' 
_exptl.method_details             ? 
# 
_struct.entry_id                  2MUA 
_struct.title                     
;Shifting the Polarity of some Critical Residues in Malarial Peptides Binding to Host Cells is a Key Factor in Breaking Conserved Antigens
;
_struct.pdbx_model_details        ? 
_struct.pdbx_CASP_flag            ? 
_struct.pdbx_model_type_details   ? 
# 
_struct_keywords.entry_id        2MUA 
_struct_keywords.pdbx_keywords   'IMMUNE SYSTEM' 
_struct_keywords.text            'Immune system' 
# 
_struct_asym.id                            A 
_struct_asym.pdbx_blank_PDB_chainid_flag   N 
_struct_asym.pdbx_modified                 N 
_struct_asym.entity_id                     1 
_struct_asym.details                       ? 
# 
_struct_ref.id                         1 
_struct_ref.db_name                    UNP 
_struct_ref.db_code                    RESA_PLAFF 
_struct_ref.pdbx_db_accession          P13830 
_struct_ref.entity_id                  1 
_struct_ref.pdbx_seq_one_letter_code   NLGRSGGDIIKKMQTLWDEIM 
_struct_ref.pdbx_align_begin           180 
_struct_ref.pdbx_db_isoform            ? 
# 
_struct_ref_seq.align_id                      1 
_struct_ref_seq.ref_id                        1 
_struct_ref_seq.pdbx_PDB_id_code              2MUA 
_struct_ref_seq.pdbx_strand_id                A 
_struct_ref_seq.seq_align_beg                 1 
_struct_ref_seq.pdbx_seq_align_beg_ins_code   ? 
_struct_ref_seq.seq_align_end                 21 
_struct_ref_seq.pdbx_seq_align_end_ins_code   ? 
_struct_ref_seq.pdbx_db_accession             P13830 
_struct_ref_seq.db_align_beg                  180 
_struct_ref_seq.pdbx_db_align_beg_ins_code    ? 
_struct_ref_seq.db_align_end                  200 
_struct_ref_seq.pdbx_db_align_end_ins_code    ? 
_struct_ref_seq.pdbx_auth_seq_align_beg       1 
_struct_ref_seq.pdbx_auth_seq_align_end       21 
# 
_struct_ref_seq_dif.align_id                     1 
_struct_ref_seq_dif.pdbx_pdb_id_code             2MUA 
_struct_ref_seq_dif.mon_id                       TYR 
_struct_ref_seq_dif.pdbx_pdb_strand_id           A 
_struct_ref_seq_dif.seq_num                      1 
_struct_ref_seq_dif.pdbx_pdb_ins_code            ? 
_struct_ref_seq_dif.pdbx_seq_db_name             UNP 
_struct_ref_seq_dif.pdbx_seq_db_accession_code   P13830 
_struct_ref_seq_dif.db_mon_id                    ASN 
_struct_ref_seq_dif.pdbx_seq_db_seq_num          180 
_struct_ref_seq_dif.details                      conflict 
_struct_ref_seq_dif.pdbx_auth_seq_num            1 
_struct_ref_seq_dif.pdbx_ordinal                 1 
# 
_pdbx_struct_assembly.id                   1 
_pdbx_struct_assembly.details              author_defined_assembly 
_pdbx_struct_assembly.method_details       ? 
_pdbx_struct_assembly.oligomeric_details   monomeric 
_pdbx_struct_assembly.oligomeric_count     1 
# 
_pdbx_struct_assembly_gen.assembly_id       1 
_pdbx_struct_assembly_gen.oper_expression   1 
_pdbx_struct_assembly_gen.asym_id_list      A 
# 
_pdbx_struct_oper_list.id                   1 
_pdbx_struct_oper_list.type                 'identity operation' 
_pdbx_struct_oper_list.name                 1_555 
_pdbx_struct_oper_list.symmetry_operation   x,y,z 
_pdbx_struct_oper_list.matrix[1][1]         1.0000000000 
_pdbx_struct_oper_list.matrix[1][2]         0.0000000000 
_pdbx_struct_oper_list.matrix[1][3]         0.0000000000 
_pdbx_struct_oper_list.vector[1]            0.0000000000 
_pdbx_struct_oper_list.matrix[2][1]         0.0000000000 
_pdbx_struct_oper_list.matrix[2][2]         1.0000000000 
_pdbx_struct_oper_list.matrix[2][3]         0.0000000000 
_pdbx_struct_oper_list.vector[2]            0.0000000000 
_pdbx_struct_oper_list.matrix[3][1]         0.0000000000 
_pdbx_struct_oper_list.matrix[3][2]         0.0000000000 
_pdbx_struct_oper_list.matrix[3][3]         1.0000000000 
_pdbx_struct_oper_list.vector[3]            0.0000000000 
# 
_struct_biol.id        1 
_struct_biol.details   ? 
# 
_struct_conf.conf_type_id            HELX_P 
_struct_conf.id                      HELX_P1 
_struct_conf.pdbx_PDB_helix_id       1 
_struct_conf.beg_label_comp_id       ARG 
_struct_conf.beg_label_asym_id       A 
_struct_conf.beg_label_seq_id        4 
_struct_conf.pdbx_beg_PDB_ins_code   ? 
_struct_conf.end_label_comp_id       MET 
_struct_conf.end_label_asym_id       A 
_struct_conf.end_label_seq_id        21 
_struct_conf.pdbx_end_PDB_ins_code   ? 
_struct_conf.beg_auth_comp_id        ARG 
_struct_conf.beg_auth_asym_id        A 
_struct_conf.beg_auth_seq_id         4 
_struct_conf.end_auth_comp_id        MET 
_struct_conf.end_auth_asym_id        A 
_struct_conf.end_auth_seq_id         21 
_struct_conf.pdbx_PDB_helix_class    1 
_struct_conf.details                 ? 
_struct_conf.pdbx_PDB_helix_length   18 
# 
_struct_conf_type.id          HELX_P 
_struct_conf_type.criteria    ? 
_struct_conf_type.reference   ? 
# 
_pdbx_validate_rmsd_bond.id                        1 
_pdbx_validate_rmsd_bond.PDB_model_num             1 
_pdbx_validate_rmsd_bond.auth_atom_id_1            CD 
_pdbx_validate_rmsd_bond.auth_asym_id_1            A 
_pdbx_validate_rmsd_bond.auth_comp_id_1            GLU 
_pdbx_validate_rmsd_bond.auth_seq_id_1             19 
_pdbx_validate_rmsd_bond.PDB_ins_code_1            ? 
_pdbx_validate_rmsd_bond.label_alt_id_1            ? 
_pdbx_validate_rmsd_bond.auth_atom_id_2            OE2 
_pdbx_validate_rmsd_bond.auth_asym_id_2            A 
_pdbx_validate_rmsd_bond.auth_comp_id_2            GLU 
_pdbx_validate_rmsd_bond.auth_seq_id_2             19 
_pdbx_validate_rmsd_bond.PDB_ins_code_2            ? 
_pdbx_validate_rmsd_bond.label_alt_id_2            ? 
_pdbx_validate_rmsd_bond.bond_value                1.372 
_pdbx_validate_rmsd_bond.bond_target_value         1.252 
_pdbx_validate_rmsd_bond.bond_deviation            0.120 
_pdbx_validate_rmsd_bond.bond_standard_deviation   0.011 
_pdbx_validate_rmsd_bond.linker_flag               N 
# 
loop_
_pdbx_validate_rmsd_angle.id 
_pdbx_validate_rmsd_angle.PDB_model_num 
_pdbx_validate_rmsd_angle.auth_atom_id_1 
_pdbx_validate_rmsd_angle.auth_asym_id_1 
_pdbx_validate_rmsd_angle.auth_comp_id_1 
_pdbx_validate_rmsd_angle.auth_seq_id_1 
_pdbx_validate_rmsd_angle.PDB_ins_code_1 
_pdbx_validate_rmsd_angle.label_alt_id_1 
_pdbx_validate_rmsd_angle.auth_atom_id_2 
_pdbx_validate_rmsd_angle.auth_asym_id_2 
_pdbx_validate_rmsd_angle.auth_comp_id_2 
_pdbx_validate_rmsd_angle.auth_seq_id_2 
_pdbx_validate_rmsd_angle.PDB_ins_code_2 
_pdbx_validate_rmsd_angle.label_alt_id_2 
_pdbx_validate_rmsd_angle.auth_atom_id_3 
_pdbx_validate_rmsd_angle.auth_asym_id_3 
_pdbx_validate_rmsd_angle.auth_comp_id_3 
_pdbx_validate_rmsd_angle.auth_seq_id_3 
_pdbx_validate_rmsd_angle.PDB_ins_code_3 
_pdbx_validate_rmsd_angle.label_alt_id_3 
_pdbx_validate_rmsd_angle.angle_value 
_pdbx_validate_rmsd_angle.angle_target_value 
_pdbx_validate_rmsd_angle.angle_deviation 
_pdbx_validate_rmsd_angle.angle_standard_deviation 
_pdbx_validate_rmsd_angle.linker_flag 
1 1 NE  A ARG 4  ? ? CZ  A ARG 4  ? ? NH1 A ARG 4  ? ? 124.07 120.30 3.77  0.50 N 
2 1 CB  A ASP 8  ? ? CG  A ASP 8  ? ? OD1 A ASP 8  ? ? 124.46 118.30 6.16  0.90 N 
3 1 CB  A ASP 8  ? ? CG  A ASP 8  ? ? OD2 A ASP 8  ? ? 111.53 118.30 -6.77 0.90 N 
4 1 CD1 A TRP 17 ? ? NE1 A TRP 17 ? ? CE2 A TRP 17 ? ? 103.47 109.00 -5.53 0.90 N 
5 1 CB  A ASP 18 ? ? CG  A ASP 18 ? ? OD2 A ASP 18 ? ? 112.34 118.30 -5.96 0.90 N 
# 
_pdbx_validate_torsion.id              1 
_pdbx_validate_torsion.PDB_model_num   1 
_pdbx_validate_torsion.auth_comp_id    LEU 
_pdbx_validate_torsion.auth_asym_id    A 
_pdbx_validate_torsion.auth_seq_id     2 
_pdbx_validate_torsion.PDB_ins_code    ? 
_pdbx_validate_torsion.label_alt_id    ? 
_pdbx_validate_torsion.phi             67.98 
_pdbx_validate_torsion.psi             85.50 
# 
_pdbx_nmr_ensemble.average_constraint_violations_per_residue     ? 
_pdbx_nmr_ensemble.average_constraints_per_residue               ? 
_pdbx_nmr_ensemble.average_distance_constraint_violation         ? 
_pdbx_nmr_ensemble.average_torsion_angle_constraint_violation    ? 
_pdbx_nmr_ensemble.conformer_selection_criteria                  'structures with the least restraint violations' 
_pdbx_nmr_ensemble.conformers_calculated_total_number            50 
_pdbx_nmr_ensemble.conformers_submitted_total_number             1 
_pdbx_nmr_ensemble.distance_constraint_violation_method          ? 
_pdbx_nmr_ensemble.entry_id                                      2MUA 
_pdbx_nmr_ensemble.maximum_distance_constraint_violation         ? 
_pdbx_nmr_ensemble.maximum_lower_distance_constraint_violation   ? 
_pdbx_nmr_ensemble.maximum_torsion_angle_constraint_violation    ? 
_pdbx_nmr_ensemble.maximum_upper_distance_constraint_violation   ? 
_pdbx_nmr_ensemble.torsion_angle_constraint_violation_method     ? 
# 
_pdbx_nmr_representative.conformer_id         1 
_pdbx_nmr_representative.entry_id             2MUA 
_pdbx_nmr_representative.selection_criteria   'lowest energy' 
# 
_pdbx_nmr_sample_details.contents         '10-12 mM protein, trifluoroethanol/water' 
_pdbx_nmr_sample_details.solution_id      1 
_pdbx_nmr_sample_details.solvent_system   trifluoroethanol/water 
# 
_pdbx_nmr_exptl_sample.component             entity-1 
_pdbx_nmr_exptl_sample.concentration         ? 
_pdbx_nmr_exptl_sample.concentration_range   10-12 
_pdbx_nmr_exptl_sample.concentration_units   mM 
_pdbx_nmr_exptl_sample.isotopic_labeling     ? 
_pdbx_nmr_exptl_sample.solution_id           1 
# 
_pdbx_nmr_exptl_sample_conditions.conditions_id       1 
_pdbx_nmr_exptl_sample_conditions.ionic_strength      ? 
_pdbx_nmr_exptl_sample_conditions.pH                  3.7 
_pdbx_nmr_exptl_sample_conditions.pressure            ambient 
_pdbx_nmr_exptl_sample_conditions.pressure_units      ? 
_pdbx_nmr_exptl_sample_conditions.temperature         295 
_pdbx_nmr_exptl_sample_conditions.temperature_units   K 
# 
loop_
_pdbx_nmr_exptl.conditions_id 
_pdbx_nmr_exptl.experiment_id 
_pdbx_nmr_exptl.solution_id 
_pdbx_nmr_exptl.type 
1 1 1 '2D DQF-COSY'    
1 2 1 '2D 1H-1H TOCSY' 
1 3 1 '2D 1H-1H NOESY' 
# 
_pdbx_nmr_refine.entry_id           2MUA 
_pdbx_nmr_refine.method             'distance geometry, simulated annealing' 
_pdbx_nmr_refine.details            ? 
_pdbx_nmr_refine.software_ordinal   1 
# 
loop_
_pdbx_nmr_software.authors 
_pdbx_nmr_software.classification 
_pdbx_nmr_software.name 
_pdbx_nmr_software.version 
_pdbx_nmr_software.ordinal 
'Accelrys Software Inc.' 'geometry optimization' 'Insight II' ? 1 
'Accelrys Software Inc.' refinement              'Insight II' ? 2 
# 
loop_
_chem_comp_atom.comp_id 
_chem_comp_atom.atom_id 
_chem_comp_atom.type_symbol 
_chem_comp_atom.pdbx_aromatic_flag 
_chem_comp_atom.pdbx_stereo_config 
_chem_comp_atom.pdbx_ordinal 
ARG N    N N N 1   
ARG CA   C N S 2   
ARG C    C N N 3   
ARG O    O N N 4   
ARG CB   C N N 5   
ARG CG   C N N 6   
ARG CD   C N N 7   
ARG NE   N N N 8   
ARG CZ   C N N 9   
ARG NH1  N N N 10  
ARG NH2  N N N 11  
ARG OXT  O N N 12  
ARG H    H N N 13  
ARG H2   H N N 14  
ARG HA   H N N 15  
ARG HB2  H N N 16  
ARG HB3  H N N 17  
ARG HG2  H N N 18  
ARG HG3  H N N 19  
ARG HD2  H N N 20  
ARG HD3  H N N 21  
ARG HE   H N N 22  
ARG HH11 H N N 23  
ARG HH12 H N N 24  
ARG HH21 H N N 25  
ARG HH22 H N N 26  
ARG HXT  H N N 27  
ASN N    N N N 28  
ASN CA   C N S 29  
ASN C    C N N 30  
ASN O    O N N 31  
ASN CB   C N N 32  
ASN CG   C N N 33  
ASN OD1  O N N 34  
ASN ND2  N N N 35  
ASN OXT  O N N 36  
ASN H    H N N 37  
ASN H2   H N N 38  
ASN HA   H N N 39  
ASN HB2  H N N 40  
ASN HB3  H N N 41  
ASN HD21 H N N 42  
ASN HD22 H N N 43  
ASN HXT  H N N 44  
ASP N    N N N 45  
ASP CA   C N S 46  
ASP C    C N N 47  
ASP O    O N N 48  
ASP CB   C N N 49  
ASP CG   C N N 50  
ASP OD1  O N N 51  
ASP OD2  O N N 52  
ASP OXT  O N N 53  
ASP H    H N N 54  
ASP H2   H N N 55  
ASP HA   H N N 56  
ASP HB2  H N N 57  
ASP HB3  H N N 58  
ASP HD2  H N N 59  
ASP HXT  H N N 60  
GLN N    N N N 61  
GLN CA   C N S 62  
GLN C    C N N 63  
GLN O    O N N 64  
GLN CB   C N N 65  
GLN CG   C N N 66  
GLN CD   C N N 67  
GLN OE1  O N N 68  
GLN NE2  N N N 69  
GLN OXT  O N N 70  
GLN H    H N N 71  
GLN H2   H N N 72  
GLN HA   H N N 73  
GLN HB2  H N N 74  
GLN HB3  H N N 75  
GLN HG2  H N N 76  
GLN HG3  H N N 77  
GLN HE21 H N N 78  
GLN HE22 H N N 79  
GLN HXT  H N N 80  
GLU N    N N N 81  
GLU CA   C N S 82  
GLU C    C N N 83  
GLU O    O N N 84  
GLU CB   C N N 85  
GLU CG   C N N 86  
GLU CD   C N N 87  
GLU OE1  O N N 88  
GLU OE2  O N N 89  
GLU OXT  O N N 90  
GLU H    H N N 91  
GLU H2   H N N 92  
GLU HA   H N N 93  
GLU HB2  H N N 94  
GLU HB3  H N N 95  
GLU HG2  H N N 96  
GLU HG3  H N N 97  
GLU HE2  H N N 98  
GLU HXT  H N N 99  
GLY N    N N N 100 
GLY CA   C N N 101 
GLY C    C N N 102 
GLY O    O N N 103 
GLY OXT  O N N 104 
GLY H    H N N 105 
GLY H2   H N N 106 
GLY HA2  H N N 107 
GLY HA3  H N N 108 
GLY HXT  H N N 109 
ILE N    N N N 110 
ILE CA   C N S 111 
ILE C    C N N 112 
ILE O    O N N 113 
ILE CB   C N S 114 
ILE CG1  C N N 115 
ILE CG2  C N N 116 
ILE CD1  C N N 117 
ILE OXT  O N N 118 
ILE H    H N N 119 
ILE H2   H N N 120 
ILE HA   H N N 121 
ILE HB   H N N 122 
ILE HG12 H N N 123 
ILE HG13 H N N 124 
ILE HG21 H N N 125 
ILE HG22 H N N 126 
ILE HG23 H N N 127 
ILE HD11 H N N 128 
ILE HD12 H N N 129 
ILE HD13 H N N 130 
ILE HXT  H N N 131 
LEU N    N N N 132 
LEU CA   C N S 133 
LEU C    C N N 134 
LEU O    O N N 135 
LEU CB   C N N 136 
LEU CG   C N N 137 
LEU CD1  C N N 138 
LEU CD2  C N N 139 
LEU OXT  O N N 140 
LEU H    H N N 141 
LEU H2   H N N 142 
LEU HA   H N N 143 
LEU HB2  H N N 144 
LEU HB3  H N N 145 
LEU HG   H N N 146 
LEU HD11 H N N 147 
LEU HD12 H N N 148 
LEU HD13 H N N 149 
LEU HD21 H N N 150 
LEU HD22 H N N 151 
LEU HD23 H N N 152 
LEU HXT  H N N 153 
LYS N    N N N 154 
LYS CA   C N S 155 
LYS C    C N N 156 
LYS O    O N N 157 
LYS CB   C N N 158 
LYS CG   C N N 159 
LYS CD   C N N 160 
LYS CE   C N N 161 
LYS NZ   N N N 162 
LYS OXT  O N N 163 
LYS H    H N N 164 
LYS H2   H N N 165 
LYS HA   H N N 166 
LYS HB2  H N N 167 
LYS HB3  H N N 168 
LYS HG2  H N N 169 
LYS HG3  H N N 170 
LYS HD2  H N N 171 
LYS HD3  H N N 172 
LYS HE2  H N N 173 
LYS HE3  H N N 174 
LYS HZ1  H N N 175 
LYS HZ2  H N N 176 
LYS HZ3  H N N 177 
LYS HXT  H N N 178 
MET N    N N N 179 
MET CA   C N S 180 
MET C    C N N 181 
MET O    O N N 182 
MET CB   C N N 183 
MET CG   C N N 184 
MET SD   S N N 185 
MET CE   C N N 186 
MET OXT  O N N 187 
MET H    H N N 188 
MET H2   H N N 189 
MET HA   H N N 190 
MET HB2  H N N 191 
MET HB3  H N N 192 
MET HG2  H N N 193 
MET HG3  H N N 194 
MET HE1  H N N 195 
MET HE2  H N N 196 
MET HE3  H N N 197 
MET HXT  H N N 198 
SER N    N N N 199 
SER CA   C N S 200 
SER C    C N N 201 
SER O    O N N 202 
SER CB   C N N 203 
SER OG   O N N 204 
SER OXT  O N N 205 
SER H    H N N 206 
SER H2   H N N 207 
SER HA   H N N 208 
SER HB2  H N N 209 
SER HB3  H N N 210 
SER HG   H N N 211 
SER HXT  H N N 212 
THR N    N N N 213 
THR CA   C N S 214 
THR C    C N N 215 
THR O    O N N 216 
THR CB   C N R 217 
THR OG1  O N N 218 
THR CG2  C N N 219 
THR OXT  O N N 220 
THR H    H N N 221 
THR H2   H N N 222 
THR HA   H N N 223 
THR HB   H N N 224 
THR HG1  H N N 225 
THR HG21 H N N 226 
THR HG22 H N N 227 
THR HG23 H N N 228 
THR HXT  H N N 229 
TRP N    N N N 230 
TRP CA   C N S 231 
TRP C    C N N 232 
TRP O    O N N 233 
TRP CB   C N N 234 
TRP CG   C Y N 235 
TRP CD1  C Y N 236 
TRP CD2  C Y N 237 
TRP NE1  N Y N 238 
TRP CE2  C Y N 239 
TRP CE3  C Y N 240 
TRP CZ2  C Y N 241 
TRP CZ3  C Y N 242 
TRP CH2  C Y N 243 
TRP OXT  O N N 244 
TRP H    H N N 245 
TRP H2   H N N 246 
TRP HA   H N N 247 
TRP HB2  H N N 248 
TRP HB3  H N N 249 
TRP HD1  H N N 250 
TRP HE1  H N N 251 
TRP HE3  H N N 252 
TRP HZ2  H N N 253 
TRP HZ3  H N N 254 
TRP HH2  H N N 255 
TRP HXT  H N N 256 
TYR N    N N N 257 
TYR CA   C N S 258 
TYR C    C N N 259 
TYR O    O N N 260 
TYR CB   C N N 261 
TYR CG   C Y N 262 
TYR CD1  C Y N 263 
TYR CD2  C Y N 264 
TYR CE1  C Y N 265 
TYR CE2  C Y N 266 
TYR CZ   C Y N 267 
TYR OH   O N N 268 
TYR OXT  O N N 269 
TYR H    H N N 270 
TYR H2   H N N 271 
TYR HA   H N N 272 
TYR HB2  H N N 273 
TYR HB3  H N N 274 
TYR HD1  H N N 275 
TYR HD2  H N N 276 
TYR HE1  H N N 277 
TYR HE2  H N N 278 
TYR HH   H N N 279 
TYR HXT  H N N 280 
# 
loop_
_chem_comp_bond.comp_id 
_chem_comp_bond.atom_id_1 
_chem_comp_bond.atom_id_2 
_chem_comp_bond.value_order 
_chem_comp_bond.pdbx_aromatic_flag 
_chem_comp_bond.pdbx_stereo_config 
_chem_comp_bond.pdbx_ordinal 
ARG N   CA   sing N N 1   
ARG N   H    sing N N 2   
ARG N   H2   sing N N 3   
ARG CA  C    sing N N 4   
ARG CA  CB   sing N N 5   
ARG CA  HA   sing N N 6   
ARG C   O    doub N N 7   
ARG C   OXT  sing N N 8   
ARG CB  CG   sing N N 9   
ARG CB  HB2  sing N N 10  
ARG CB  HB3  sing N N 11  
ARG CG  CD   sing N N 12  
ARG CG  HG2  sing N N 13  
ARG CG  HG3  sing N N 14  
ARG CD  NE   sing N N 15  
ARG CD  HD2  sing N N 16  
ARG CD  HD3  sing N N 17  
ARG NE  CZ   sing N N 18  
ARG NE  HE   sing N N 19  
ARG CZ  NH1  sing N N 20  
ARG CZ  NH2  doub N N 21  
ARG NH1 HH11 sing N N 22  
ARG NH1 HH12 sing N N 23  
ARG NH2 HH21 sing N N 24  
ARG NH2 HH22 sing N N 25  
ARG OXT HXT  sing N N 26  
ASN N   CA   sing N N 27  
ASN N   H    sing N N 28  
ASN N   H2   sing N N 29  
ASN CA  C    sing N N 30  
ASN CA  CB   sing N N 31  
ASN CA  HA   sing N N 32  
ASN C   O    doub N N 33  
ASN C   OXT  sing N N 34  
ASN CB  CG   sing N N 35  
ASN CB  HB2  sing N N 36  
ASN CB  HB3  sing N N 37  
ASN CG  OD1  doub N N 38  
ASN CG  ND2  sing N N 39  
ASN ND2 HD21 sing N N 40  
ASN ND2 HD22 sing N N 41  
ASN OXT HXT  sing N N 42  
ASP N   CA   sing N N 43  
ASP N   H    sing N N 44  
ASP N   H2   sing N N 45  
ASP CA  C    sing N N 46  
ASP CA  CB   sing N N 47  
ASP CA  HA   sing N N 48  
ASP C   O    doub N N 49  
ASP C   OXT  sing N N 50  
ASP CB  CG   sing N N 51  
ASP CB  HB2  sing N N 52  
ASP CB  HB3  sing N N 53  
ASP CG  OD1  doub N N 54  
ASP CG  OD2  sing N N 55  
ASP OD2 HD2  sing N N 56  
ASP OXT HXT  sing N N 57  
GLN N   CA   sing N N 58  
GLN N   H    sing N N 59  
GLN N   H2   sing N N 60  
GLN CA  C    sing N N 61  
GLN CA  CB   sing N N 62  
GLN CA  HA   sing N N 63  
GLN C   O    doub N N 64  
GLN C   OXT  sing N N 65  
GLN CB  CG   sing N N 66  
GLN CB  HB2  sing N N 67  
GLN CB  HB3  sing N N 68  
GLN CG  CD   sing N N 69  
GLN CG  HG2  sing N N 70  
GLN CG  HG3  sing N N 71  
GLN CD  OE1  doub N N 72  
GLN CD  NE2  sing N N 73  
GLN NE2 HE21 sing N N 74  
GLN NE2 HE22 sing N N 75  
GLN OXT HXT  sing N N 76  
GLU N   CA   sing N N 77  
GLU N   H    sing N N 78  
GLU N   H2   sing N N 79  
GLU CA  C    sing N N 80  
GLU CA  CB   sing N N 81  
GLU CA  HA   sing N N 82  
GLU C   O    doub N N 83  
GLU C   OXT  sing N N 84  
GLU CB  CG   sing N N 85  
GLU CB  HB2  sing N N 86  
GLU CB  HB3  sing N N 87  
GLU CG  CD   sing N N 88  
GLU CG  HG2  sing N N 89  
GLU CG  HG3  sing N N 90  
GLU CD  OE1  doub N N 91  
GLU CD  OE2  sing N N 92  
GLU OE2 HE2  sing N N 93  
GLU OXT HXT  sing N N 94  
GLY N   CA   sing N N 95  
GLY N   H    sing N N 96  
GLY N   H2   sing N N 97  
GLY CA  C    sing N N 98  
GLY CA  HA2  sing N N 99  
GLY CA  HA3  sing N N 100 
GLY C   O    doub N N 101 
GLY C   OXT  sing N N 102 
GLY OXT HXT  sing N N 103 
ILE N   CA   sing N N 104 
ILE N   H    sing N N 105 
ILE N   H2   sing N N 106 
ILE CA  C    sing N N 107 
ILE CA  CB   sing N N 108 
ILE CA  HA   sing N N 109 
ILE C   O    doub N N 110 
ILE C   OXT  sing N N 111 
ILE CB  CG1  sing N N 112 
ILE CB  CG2  sing N N 113 
ILE CB  HB   sing N N 114 
ILE CG1 CD1  sing N N 115 
ILE CG1 HG12 sing N N 116 
ILE CG1 HG13 sing N N 117 
ILE CG2 HG21 sing N N 118 
ILE CG2 HG22 sing N N 119 
ILE CG2 HG23 sing N N 120 
ILE CD1 HD11 sing N N 121 
ILE CD1 HD12 sing N N 122 
ILE CD1 HD13 sing N N 123 
ILE OXT HXT  sing N N 124 
LEU N   CA   sing N N 125 
LEU N   H    sing N N 126 
LEU N   H2   sing N N 127 
LEU CA  C    sing N N 128 
LEU CA  CB   sing N N 129 
LEU CA  HA   sing N N 130 
LEU C   O    doub N N 131 
LEU C   OXT  sing N N 132 
LEU CB  CG   sing N N 133 
LEU CB  HB2  sing N N 134 
LEU CB  HB3  sing N N 135 
LEU CG  CD1  sing N N 136 
LEU CG  CD2  sing N N 137 
LEU CG  HG   sing N N 138 
LEU CD1 HD11 sing N N 139 
LEU CD1 HD12 sing N N 140 
LEU CD1 HD13 sing N N 141 
LEU CD2 HD21 sing N N 142 
LEU CD2 HD22 sing N N 143 
LEU CD2 HD23 sing N N 144 
LEU OXT HXT  sing N N 145 
LYS N   CA   sing N N 146 
LYS N   H    sing N N 147 
LYS N   H2   sing N N 148 
LYS CA  C    sing N N 149 
LYS CA  CB   sing N N 150 
LYS CA  HA   sing N N 151 
LYS C   O    doub N N 152 
LYS C   OXT  sing N N 153 
LYS CB  CG   sing N N 154 
LYS CB  HB2  sing N N 155 
LYS CB  HB3  sing N N 156 
LYS CG  CD   sing N N 157 
LYS CG  HG2  sing N N 158 
LYS CG  HG3  sing N N 159 
LYS CD  CE   sing N N 160 
LYS CD  HD2  sing N N 161 
LYS CD  HD3  sing N N 162 
LYS CE  NZ   sing N N 163 
LYS CE  HE2  sing N N 164 
LYS CE  HE3  sing N N 165 
LYS NZ  HZ1  sing N N 166 
LYS NZ  HZ2  sing N N 167 
LYS NZ  HZ3  sing N N 168 
LYS OXT HXT  sing N N 169 
MET N   CA   sing N N 170 
MET N   H    sing N N 171 
MET N   H2   sing N N 172 
MET CA  C    sing N N 173 
MET CA  CB   sing N N 174 
MET CA  HA   sing N N 175 
MET C   O    doub N N 176 
MET C   OXT  sing N N 177 
MET CB  CG   sing N N 178 
MET CB  HB2  sing N N 179 
MET CB  HB3  sing N N 180 
MET CG  SD   sing N N 181 
MET CG  HG2  sing N N 182 
MET CG  HG3  sing N N 183 
MET SD  CE   sing N N 184 
MET CE  HE1  sing N N 185 
MET CE  HE2  sing N N 186 
MET CE  HE3  sing N N 187 
MET OXT HXT  sing N N 188 
SER N   CA   sing N N 189 
SER N   H    sing N N 190 
SER N   H2   sing N N 191 
SER CA  C    sing N N 192 
SER CA  CB   sing N N 193 
SER CA  HA   sing N N 194 
SER C   O    doub N N 195 
SER C   OXT  sing N N 196 
SER CB  OG   sing N N 197 
SER CB  HB2  sing N N 198 
SER CB  HB3  sing N N 199 
SER OG  HG   sing N N 200 
SER OXT HXT  sing N N 201 
THR N   CA   sing N N 202 
THR N   H    sing N N 203 
THR N   H2   sing N N 204 
THR CA  C    sing N N 205 
THR CA  CB   sing N N 206 
THR CA  HA   sing N N 207 
THR C   O    doub N N 208 
THR C   OXT  sing N N 209 
THR CB  OG1  sing N N 210 
THR CB  CG2  sing N N 211 
THR CB  HB   sing N N 212 
THR OG1 HG1  sing N N 213 
THR CG2 HG21 sing N N 214 
THR CG2 HG22 sing N N 215 
THR CG2 HG23 sing N N 216 
THR OXT HXT  sing N N 217 
TRP N   CA   sing N N 218 
TRP N   H    sing N N 219 
TRP N   H2   sing N N 220 
TRP CA  C    sing N N 221 
TRP CA  CB   sing N N 222 
TRP CA  HA   sing N N 223 
TRP C   O    doub N N 224 
TRP C   OXT  sing N N 225 
TRP CB  CG   sing N N 226 
TRP CB  HB2  sing N N 227 
TRP CB  HB3  sing N N 228 
TRP CG  CD1  doub Y N 229 
TRP CG  CD2  sing Y N 230 
TRP CD1 NE1  sing Y N 231 
TRP CD1 HD1  sing N N 232 
TRP CD2 CE2  doub Y N 233 
TRP CD2 CE3  sing Y N 234 
TRP NE1 CE2  sing Y N 235 
TRP NE1 HE1  sing N N 236 
TRP CE2 CZ2  sing Y N 237 
TRP CE3 CZ3  doub Y N 238 
TRP CE3 HE3  sing N N 239 
TRP CZ2 CH2  doub Y N 240 
TRP CZ2 HZ2  sing N N 241 
TRP CZ3 CH2  sing Y N 242 
TRP CZ3 HZ3  sing N N 243 
TRP CH2 HH2  sing N N 244 
TRP OXT HXT  sing N N 245 
TYR N   CA   sing N N 246 
TYR N   H    sing N N 247 
TYR N   H2   sing N N 248 
TYR CA  C    sing N N 249 
TYR CA  CB   sing N N 250 
TYR CA  HA   sing N N 251 
TYR C   O    doub N N 252 
TYR C   OXT  sing N N 253 
TYR CB  CG   sing N N 254 
TYR CB  HB2  sing N N 255 
TYR CB  HB3  sing N N 256 
TYR CG  CD1  doub Y N 257 
TYR CG  CD2  sing Y N 258 
TYR CD1 CE1  sing Y N 259 
TYR CD1 HD1  sing N N 260 
TYR CD2 CE2  doub Y N 261 
TYR CD2 HD2  sing N N 262 
TYR CE1 CZ   doub Y N 263 
TYR CE1 HE1  sing N N 264 
TYR CE2 CZ   sing Y N 265 
TYR CE2 HE2  sing N N 266 
TYR CZ  OH   sing N N 267 
TYR OH  HH   sing N N 268 
TYR OXT HXT  sing N N 269 
# 
_pdbx_nmr_spectrometer.field_strength    500 
_pdbx_nmr_spectrometer.manufacturer      Bruker 
_pdbx_nmr_spectrometer.model             DRX 
_pdbx_nmr_spectrometer.spectrometer_id   1 
_pdbx_nmr_spectrometer.type              'Bruker DRX' 
# 
_atom_sites.entry_id                    2MUA 
_atom_sites.fract_transf_matrix[1][1]   1.000000 
_atom_sites.fract_transf_matrix[1][2]   0.000000 
_atom_sites.fract_transf_matrix[1][3]   0.000000 
_atom_sites.fract_transf_matrix[2][1]   0.000000 
_atom_sites.fract_transf_matrix[2][2]   1.000000 
_atom_sites.fract_transf_matrix[2][3]   0.000000 
_atom_sites.fract_transf_matrix[3][1]   0.000000 
_atom_sites.fract_transf_matrix[3][2]   0.000000 
_atom_sites.fract_transf_matrix[3][3]   1.000000 
_atom_sites.fract_transf_vector[1]      0.00000 
_atom_sites.fract_transf_vector[2]      0.00000 
_atom_sites.fract_transf_vector[3]      0.00000 
# 
loop_
_atom_type.symbol 
C 
H 
N 
O 
S 
# 
loop_
_atom_site.group_PDB 
_atom_site.id 
_atom_site.type_symbol 
_atom_site.label_atom_id 
_atom_site.label_alt_id 
_atom_site.label_comp_id 
_atom_site.label_asym_id 
_atom_site.label_entity_id 
_atom_site.label_seq_id 
_atom_site.pdbx_PDB_ins_code 
_atom_site.Cartn_x 
_atom_site.Cartn_y 
_atom_site.Cartn_z 
_atom_site.occupancy 
_atom_site.B_iso_or_equiv 
_atom_site.pdbx_formal_charge 
_atom_site.auth_seq_id 
_atom_site.auth_comp_id 
_atom_site.auth_asym_id 
_atom_site.auth_atom_id 
_atom_site.pdbx_PDB_model_num 
ATOM 1   N N    . TYR A 1 1  ? -3.906  10.927  5.613   1.00 0.00 ? 1  TYR A N    1 
ATOM 2   C CA   . TYR A 1 1  ? -4.699  12.188  5.512   1.00 0.00 ? 1  TYR A CA   1 
ATOM 3   C C    . TYR A 1 1  ? -6.131  11.855  5.011   1.00 0.00 ? 1  TYR A C    1 
ATOM 4   O O    . TYR A 1 1  ? -6.313  11.373  3.889   1.00 0.00 ? 1  TYR A O    1 
ATOM 5   C CB   . TYR A 1 1  ? -4.004  13.210  4.564   1.00 0.00 ? 1  TYR A CB   1 
ATOM 6   C CG   . TYR A 1 1  ? -2.701  13.834  5.103   1.00 0.00 ? 1  TYR A CG   1 
ATOM 7   C CD1  . TYR A 1 1  ? -2.748  14.925  5.981   1.00 0.00 ? 1  TYR A CD1  1 
ATOM 8   C CD2  . TYR A 1 1  ? -1.456  13.322  4.716   1.00 0.00 ? 1  TYR A CD2  1 
ATOM 9   C CE1  . TYR A 1 1  ? -1.570  15.488  6.467   1.00 0.00 ? 1  TYR A CE1  1 
ATOM 10  C CE2  . TYR A 1 1  ? -0.280  13.885  5.205   1.00 0.00 ? 1  TYR A CE2  1 
ATOM 11  C CZ   . TYR A 1 1  ? -0.337  14.968  6.080   1.00 0.00 ? 1  TYR A CZ   1 
ATOM 12  O OH   . TYR A 1 1  ? 0.823   15.524  6.559   1.00 0.00 ? 1  TYR A OH   1 
ATOM 13  H H1   . TYR A 1 1  ? -3.393  10.552  4.808   1.00 0.00 ? 1  TYR A H1   1 
ATOM 14  H HA   . TYR A 1 1  ? -4.754  12.679  6.505   1.00 0.00 ? 1  TYR A HA   1 
ATOM 15  H HB2  . TYR A 1 1  ? -3.827  12.747  3.573   1.00 0.00 ? 1  TYR A HB2  1 
ATOM 16  H HB3  . TYR A 1 1  ? -4.710  14.035  4.345   1.00 0.00 ? 1  TYR A HB3  1 
ATOM 17  H HD1  . TYR A 1 1  ? -3.697  15.342  6.290   1.00 0.00 ? 1  TYR A HD1  1 
ATOM 18  H HD2  . TYR A 1 1  ? -1.396  12.484  4.037   1.00 0.00 ? 1  TYR A HD2  1 
ATOM 19  H HE1  . TYR A 1 1  ? -1.617  16.328  7.145   1.00 0.00 ? 1  TYR A HE1  1 
ATOM 20  H HE2  . TYR A 1 1  ? 0.675   13.482  4.901   1.00 0.00 ? 1  TYR A HE2  1 
ATOM 21  H HH   . TYR A 1 1  ? 1.572   15.049  6.193   1.00 0.00 ? 1  TYR A HH   1 
ATOM 22  N N    . LEU A 1 2  ? -7.141  12.131  5.865   1.00 0.00 ? 2  LEU A N    1 
ATOM 23  C CA   . LEU A 1 2  ? -8.590  11.887  5.585   1.00 0.00 ? 2  LEU A CA   1 
ATOM 24  C C    . LEU A 1 2  ? -8.872  10.354  5.518   1.00 0.00 ? 2  LEU A C    1 
ATOM 25  O O    . LEU A 1 2  ? -8.842  9.753   4.439   1.00 0.00 ? 2  LEU A O    1 
ATOM 26  C CB   . LEU A 1 2  ? -9.128  12.720  4.373   1.00 0.00 ? 2  LEU A CB   1 
ATOM 27  C CG   . LEU A 1 2  ? -10.658 12.975  4.231   1.00 0.00 ? 2  LEU A CG   1 
ATOM 28  C CD1  . LEU A 1 2  ? -11.483 11.709  3.926   1.00 0.00 ? 2  LEU A CD1  1 
ATOM 29  C CD2  . LEU A 1 2  ? -11.264 13.746  5.421   1.00 0.00 ? 2  LEU A CD2  1 
ATOM 30  H H    . LEU A 1 2  ? -6.836  12.532  6.759   1.00 0.00 ? 2  LEU A H    1 
ATOM 31  H HA   . LEU A 1 2  ? -9.112  12.287  6.474   1.00 0.00 ? 2  LEU A HA   1 
ATOM 32  H HB2  . LEU A 1 2  ? -8.649  13.718  4.399   1.00 0.00 ? 2  LEU A HB2  1 
ATOM 33  H HB3  . LEU A 1 2  ? -8.757  12.278  3.428   1.00 0.00 ? 2  LEU A HB3  1 
ATOM 34  H HG   . LEU A 1 2  ? -10.772 13.632  3.348   1.00 0.00 ? 2  LEU A HG   1 
ATOM 35  H HD11 . LEU A 1 2  ? -11.515 11.013  4.784   1.00 0.00 ? 2  LEU A HD11 1 
ATOM 36  H HD12 . LEU A 1 2  ? -12.530 11.958  3.673   1.00 0.00 ? 2  LEU A HD12 1 
ATOM 37  H HD13 . LEU A 1 2  ? -11.070 11.152  3.065   1.00 0.00 ? 2  LEU A HD13 1 
ATOM 38  H HD21 . LEU A 1 2  ? -11.262 13.149  6.352   1.00 0.00 ? 2  LEU A HD21 1 
ATOM 39  H HD22 . LEU A 1 2  ? -10.708 14.680  5.627   1.00 0.00 ? 2  LEU A HD22 1 
ATOM 40  H HD23 . LEU A 1 2  ? -12.313 14.037  5.226   1.00 0.00 ? 2  LEU A HD23 1 
ATOM 41  N N    . GLY A 1 3  ? -9.115  9.740   6.693   1.00 0.00 ? 3  GLY A N    1 
ATOM 42  C CA   . GLY A 1 3  ? -9.401  8.273   6.793   1.00 0.00 ? 3  GLY A CA   1 
ATOM 43  C C    . GLY A 1 3  ? -8.242  7.337   6.368   1.00 0.00 ? 3  GLY A C    1 
ATOM 44  O O    . GLY A 1 3  ? -8.426  6.524   5.459   1.00 0.00 ? 3  GLY A O    1 
ATOM 45  H H    . GLY A 1 3  ? -9.174  10.421  7.463   1.00 0.00 ? 3  GLY A H    1 
ATOM 46  H HA2  . GLY A 1 3  ? -9.740  7.942   7.801   1.00 0.00 ? 3  GLY A HA2  1 
ATOM 47  H HA3  . GLY A 1 3  ? -10.280 8.086   6.157   1.00 0.00 ? 3  GLY A HA3  1 
ATOM 48  N N    . ARG A 1 4  ? -7.076  7.462   7.036   1.00 0.00 ? 4  ARG A N    1 
ATOM 49  C CA   . ARG A 1 4  ? -5.848  6.650   6.770   1.00 0.00 ? 4  ARG A CA   1 
ATOM 50  C C    . ARG A 1 4  ? -5.407  6.489   5.273   1.00 0.00 ? 4  ARG A C    1 
ATOM 51  O O    . ARG A 1 4  ? -5.315  5.372   4.755   1.00 0.00 ? 4  ARG A O    1 
ATOM 52  C CB   . ARG A 1 4  ? -5.867  5.322   7.585   1.00 0.00 ? 4  ARG A CB   1 
ATOM 53  C CG   . ARG A 1 4  ? -6.964  4.279   7.258   1.00 0.00 ? 4  ARG A CG   1 
ATOM 54  C CD   . ARG A 1 4  ? -6.779  2.951   8.019   1.00 0.00 ? 4  ARG A CD   1 
ATOM 55  N NE   . ARG A 1 4  ? -7.777  1.949   7.573   1.00 0.00 ? 4  ARG A NE   1 
ATOM 56  C CZ   . ARG A 1 4  ? -7.656  0.617   7.739   1.00 0.00 ? 4  ARG A CZ   1 
ATOM 57  N NH1  . ARG A 1 4  ? -6.622  0.031   8.339   1.00 0.00 ? 4  ARG A NH1  1 
ATOM 58  N NH2  . ARG A 1 4  ? -8.623  -0.155  7.277   1.00 0.00 ? 4  ARG A NH2  1 
ATOM 59  H H    . ARG A 1 4  ? -7.086  8.183   7.765   1.00 0.00 ? 4  ARG A H    1 
ATOM 60  H HA   . ARG A 1 4  ? -5.031  7.234   7.234   1.00 0.00 ? 4  ARG A HA   1 
ATOM 61  H HB2  . ARG A 1 4  ? -4.876  4.843   7.471   1.00 0.00 ? 4  ARG A HB2  1 
ATOM 62  H HB3  . ARG A 1 4  ? -5.929  5.568   8.663   1.00 0.00 ? 4  ARG A HB3  1 
ATOM 63  H HG2  . ARG A 1 4  ? -7.959  4.704   7.490   1.00 0.00 ? 4  ARG A HG2  1 
ATOM 64  H HG3  . ARG A 1 4  ? -6.969  4.087   6.170   1.00 0.00 ? 4  ARG A HG3  1 
ATOM 65  H HD2  . ARG A 1 4  ? -5.751  2.575   7.859   1.00 0.00 ? 4  ARG A HD2  1 
ATOM 66  H HD3  . ARG A 1 4  ? -6.882  3.116   9.109   1.00 0.00 ? 4  ARG A HD3  1 
ATOM 67  H HH11 . ARG A 1 4  ? -5.882  0.650   8.689   1.00 0.00 ? 4  ARG A HH11 1 
ATOM 68  H HH12 . ARG A 1 4  ? -6.647  -0.993  8.402   1.00 0.00 ? 4  ARG A HH12 1 
ATOM 69  H HH21 . ARG A 1 4  ? -9.410  0.319   6.818   1.00 0.00 ? 4  ARG A HH21 1 
ATOM 70  H HH22 . ARG A 1 4  ? -8.509  -1.166  7.414   1.00 0.00 ? 4  ARG A HH22 1 
ATOM 71  N N    . SER A 1 5  ? -5.114  7.622   4.601   1.00 0.00 ? 5  SER A N    1 
ATOM 72  C CA   . SER A 1 5  ? -4.640  7.635   3.189   1.00 0.00 ? 5  SER A CA   1 
ATOM 73  C C    . SER A 1 5  ? -3.133  7.258   3.046   1.00 0.00 ? 5  SER A C    1 
ATOM 74  O O    . SER A 1 5  ? -2.826  6.318   2.308   1.00 0.00 ? 5  SER A O    1 
ATOM 75  C CB   . SER A 1 5  ? -4.984  8.949   2.439   1.00 0.00 ? 5  SER A CB   1 
ATOM 76  O OG   . SER A 1 5  ? -4.703  8.818   1.050   1.00 0.00 ? 5  SER A OG   1 
ATOM 77  H H    . SER A 1 5  ? -5.247  8.467   5.156   1.00 0.00 ? 5  SER A H    1 
ATOM 78  H HA   . SER A 1 5  ? -5.230  6.860   2.680   1.00 0.00 ? 5  SER A HA   1 
ATOM 79  H HB2  . SER A 1 5  ? -6.056  9.204   2.536   1.00 0.00 ? 5  SER A HB2  1 
ATOM 80  H HB3  . SER A 1 5  ? -4.422  9.817   2.828   1.00 0.00 ? 5  SER A HB3  1 
ATOM 81  H HG   . SER A 1 5  ? -3.762  8.635   0.987   1.00 0.00 ? 5  SER A HG   1 
ATOM 82  N N    . GLY A 1 6  ? -2.215  7.968   3.739   1.00 0.00 ? 6  GLY A N    1 
ATOM 83  C CA   . GLY A 1 6  ? -0.759  7.673   3.715   1.00 0.00 ? 6  GLY A CA   1 
ATOM 84  C C    . GLY A 1 6  ? -0.314  6.249   4.125   1.00 0.00 ? 6  GLY A C    1 
ATOM 85  O O    . GLY A 1 6  ? 0.412   5.605   3.363   1.00 0.00 ? 6  GLY A O    1 
ATOM 86  H H    . GLY A 1 6  ? -2.599  8.730   4.307   1.00 0.00 ? 6  GLY A H    1 
ATOM 87  H HA2  . GLY A 1 6  ? -0.371  7.900   2.704   1.00 0.00 ? 6  GLY A HA2  1 
ATOM 88  H HA3  . GLY A 1 6  ? -0.251  8.400   4.376   1.00 0.00 ? 6  GLY A HA3  1 
ATOM 89  N N    . GLY A 1 7  ? -0.754  5.764   5.303   1.00 0.00 ? 7  GLY A N    1 
ATOM 90  C CA   . GLY A 1 7  ? -0.436  4.395   5.787   1.00 0.00 ? 7  GLY A CA   1 
ATOM 91  C C    . GLY A 1 7  ? -0.888  3.224   4.877   1.00 0.00 ? 7  GLY A C    1 
ATOM 92  O O    . GLY A 1 7  ? -0.085  2.331   4.597   1.00 0.00 ? 7  GLY A O    1 
ATOM 93  H H    . GLY A 1 7  ? -1.447  6.351   5.780   1.00 0.00 ? 7  GLY A H    1 
ATOM 94  H HA2  . GLY A 1 7  ? 0.654   4.322   5.963   1.00 0.00 ? 7  GLY A HA2  1 
ATOM 95  H HA3  . GLY A 1 7  ? -0.892  4.261   6.785   1.00 0.00 ? 7  GLY A HA3  1 
ATOM 96  N N    . ASP A 1 8  ? -2.156  3.247   4.420   1.00 0.00 ? 8  ASP A N    1 
ATOM 97  C CA   . ASP A 1 8  ? -2.713  2.219   3.501   1.00 0.00 ? 8  ASP A CA   1 
ATOM 98  C C    . ASP A 1 8  ? -2.057  2.190   2.086   1.00 0.00 ? 8  ASP A C    1 
ATOM 99  O O    . ASP A 1 8  ? -1.877  1.094   1.553   1.00 0.00 ? 8  ASP A O    1 
ATOM 100 C CB   . ASP A 1 8  ? -4.259  2.337   3.377   1.00 0.00 ? 8  ASP A CB   1 
ATOM 101 C CG   . ASP A 1 8  ? -5.092  1.972   4.619   1.00 0.00 ? 8  ASP A CG   1 
ATOM 102 O OD1  . ASP A 1 8  ? -4.621  1.543   5.673   1.00 0.00 ? 8  ASP A OD1  1 
ATOM 103 O OD2  . ASP A 1 8  ? -6.431  2.171   4.403   1.00 0.00 ? 8  ASP A OD2  1 
ATOM 104 H H    . ASP A 1 8  ? -2.711  4.053   4.709   1.00 0.00 ? 8  ASP A H    1 
ATOM 105 H HA   . ASP A 1 8  ? -2.493  1.249   3.972   1.00 0.00 ? 8  ASP A HA   1 
ATOM 106 H HB2  . ASP A 1 8  ? -4.534  3.355   3.043   1.00 0.00 ? 8  ASP A HB2  1 
ATOM 107 H HB3  . ASP A 1 8  ? -4.610  1.670   2.567   1.00 0.00 ? 8  ASP A HB3  1 
ATOM 108 H HD2  . ASP A 1 8  ? -6.958  1.942   5.172   1.00 0.00 ? 8  ASP A HD2  1 
ATOM 109 N N    . ILE A 1 9  ? -1.689  3.348   1.484   1.00 0.00 ? 9  ILE A N    1 
ATOM 110 C CA   . ILE A 1 9  ? -1.012  3.412   0.154   1.00 0.00 ? 9  ILE A CA   1 
ATOM 111 C C    . ILE A 1 9  ? 0.356   2.655   0.153   1.00 0.00 ? 9  ILE A C    1 
ATOM 112 O O    . ILE A 1 9  ? 0.564   1.825   -0.735  1.00 0.00 ? 9  ILE A O    1 
ATOM 113 C CB   . ILE A 1 9  ? -1.026  4.899   -0.364  1.00 0.00 ? 9  ILE A CB   1 
ATOM 114 C CG1  . ILE A 1 9  ? -2.445  5.361   -0.837  1.00 0.00 ? 9  ILE A CG1  1 
ATOM 115 C CG2  . ILE A 1 9  ? 0.045   5.237   -1.436  1.00 0.00 ? 9  ILE A CG2  1 
ATOM 116 C CD1  . ILE A 1 9  ? -2.916  4.932   -2.239  1.00 0.00 ? 9  ILE A CD1  1 
ATOM 117 H H    . ILE A 1 9  ? -1.853  4.204   2.019   1.00 0.00 ? 9  ILE A H    1 
ATOM 118 H HA   . ILE A 1 9  ? -1.644  2.816   -0.515  1.00 0.00 ? 9  ILE A HA   1 
ATOM 119 H HB   . ILE A 1 9  ? -0.768  5.549   0.495   1.00 0.00 ? 9  ILE A HB   1 
ATOM 120 H HG12 . ILE A 1 9  ? -3.232  5.039   -0.133  1.00 0.00 ? 9  ILE A HG12 1 
ATOM 121 H HG13 . ILE A 1 9  ? -2.471  6.458   -0.749  1.00 0.00 ? 9  ILE A HG13 1 
ATOM 122 H HG21 . ILE A 1 9  ? 1.071   5.104   -1.046  1.00 0.00 ? 9  ILE A HG21 1 
ATOM 123 H HG22 . ILE A 1 9  ? -0.045  4.593   -2.330  1.00 0.00 ? 9  ILE A HG22 1 
ATOM 124 H HG23 . ILE A 1 9  ? -0.026  6.288   -1.774  1.00 0.00 ? 9  ILE A HG23 1 
ATOM 125 H HD11 . ILE A 1 9  ? -2.920  3.832   -2.351  1.00 0.00 ? 9  ILE A HD11 1 
ATOM 126 H HD12 . ILE A 1 9  ? -3.945  5.284   -2.437  1.00 0.00 ? 9  ILE A HD12 1 
ATOM 127 H HD13 . ILE A 1 9  ? -2.275  5.348   -3.038  1.00 0.00 ? 9  ILE A HD13 1 
ATOM 128 N N    . ILE A 1 10 ? 1.248   2.905   1.135   1.00 0.00 ? 10 ILE A N    1 
ATOM 129 C CA   . ILE A 1 10 ? 2.555   2.189   1.251   1.00 0.00 ? 10 ILE A CA   1 
ATOM 130 C C    . ILE A 1 10 ? 2.340   0.644   1.469   1.00 0.00 ? 10 ILE A C    1 
ATOM 131 O O    . ILE A 1 10 ? 3.094   -0.143  0.893   1.00 0.00 ? 10 ILE A O    1 
ATOM 132 C CB   . ILE A 1 10 ? 3.480   2.928   2.298   1.00 0.00 ? 10 ILE A CB   1 
ATOM 133 C CG1  . ILE A 1 10 ? 4.118   4.247   1.746   1.00 0.00 ? 10 ILE A CG1  1 
ATOM 134 C CG2  . ILE A 1 10 ? 4.643   2.053   2.828   1.00 0.00 ? 10 ILE A CG2  1 
ATOM 135 C CD1  . ILE A 1 10 ? 3.234   5.503   1.741   1.00 0.00 ? 10 ILE A CD1  1 
ATOM 136 H H    . ILE A 1 10 ? 1.107   3.819   1.565   1.00 0.00 ? 10 ILE A H    1 
ATOM 137 H HA   . ILE A 1 10 ? 3.056   2.280   0.271   1.00 0.00 ? 10 ILE A HA   1 
ATOM 138 H HB   . ILE A 1 10 ? 2.876   3.176   3.195   1.00 0.00 ? 10 ILE A HB   1 
ATOM 139 H HG12 . ILE A 1 10 ? 5.012   4.523   2.340   1.00 0.00 ? 10 ILE A HG12 1 
ATOM 140 H HG13 . ILE A 1 10 ? 4.507   4.074   0.725   1.00 0.00 ? 10 ILE A HG13 1 
ATOM 141 H HG21 . ILE A 1 10 ? 4.268   1.149   3.344   1.00 0.00 ? 10 ILE A HG21 1 
ATOM 142 H HG22 . ILE A 1 10 ? 5.307   1.716   2.011   1.00 0.00 ? 10 ILE A HG22 1 
ATOM 143 H HG23 . ILE A 1 10 ? 5.263   2.592   3.568   1.00 0.00 ? 10 ILE A HG23 1 
ATOM 144 H HD11 . ILE A 1 10 ? 3.793   6.373   1.352   1.00 0.00 ? 10 ILE A HD11 1 
ATOM 145 H HD12 . ILE A 1 10 ? 2.905   5.765   2.762   1.00 0.00 ? 10 ILE A HD12 1 
ATOM 146 H HD13 . ILE A 1 10 ? 2.337   5.391   1.108   1.00 0.00 ? 10 ILE A HD13 1 
ATOM 147 N N    . LYS A 1 11 ? 1.336   0.226   2.276   1.00 0.00 ? 11 LYS A N    1 
ATOM 148 C CA   . LYS A 1 11 ? 0.997   -1.202  2.515   1.00 0.00 ? 11 LYS A CA   1 
ATOM 149 C C    . LYS A 1 11 ? 0.569   -1.945  1.211   1.00 0.00 ? 11 LYS A C    1 
ATOM 150 O O    . LYS A 1 11 ? 1.053   -3.056  0.973   1.00 0.00 ? 11 LYS A O    1 
ATOM 151 C CB   . LYS A 1 11 ? -0.070  -1.347  3.636   1.00 0.00 ? 11 LYS A CB   1 
ATOM 152 C CG   . LYS A 1 11 ? 0.373   -0.975  5.075   1.00 0.00 ? 11 LYS A CG   1 
ATOM 153 C CD   . LYS A 1 11 ? 0.970   -2.111  5.937   1.00 0.00 ? 11 LYS A CD   1 
ATOM 154 C CE   . LYS A 1 11 ? 2.351   -2.631  5.496   1.00 0.00 ? 11 LYS A CE   1 
ATOM 155 N NZ   . LYS A 1 11 ? 2.898   -3.600  6.463   1.00 0.00 ? 11 LYS A NZ   1 
ATOM 156 H H    . LYS A 1 11 ? 0.780   0.979   2.684   1.00 0.00 ? 11 LYS A H    1 
ATOM 157 H HA   . LYS A 1 11 ? 1.925   -1.672  2.854   1.00 0.00 ? 11 LYS A HA   1 
ATOM 158 H HB2  . LYS A 1 11 ? -0.950  -0.729  3.372   1.00 0.00 ? 11 LYS A HB2  1 
ATOM 159 H HB3  . LYS A 1 11 ? -0.466  -2.381  3.650   1.00 0.00 ? 11 LYS A HB3  1 
ATOM 160 H HG2  . LYS A 1 11 ? 1.059   -0.108  5.065   1.00 0.00 ? 11 LYS A HG2  1 
ATOM 161 H HG3  . LYS A 1 11 ? -0.523  -0.605  5.609   1.00 0.00 ? 11 LYS A HG3  1 
ATOM 162 H HD2  . LYS A 1 11 ? 1.042   -1.734  6.976   1.00 0.00 ? 11 LYS A HD2  1 
ATOM 163 H HD3  . LYS A 1 11 ? 0.250   -2.951  5.985   1.00 0.00 ? 11 LYS A HD3  1 
ATOM 164 H HE2  . LYS A 1 11 ? 2.283   -3.122  4.509   1.00 0.00 ? 11 LYS A HE2  1 
ATOM 165 H HE3  . LYS A 1 11 ? 3.063   -1.793  5.383   1.00 0.00 ? 11 LYS A HE3  1 
ATOM 166 H HZ2  . LYS A 1 11 ? 2.283   -4.419  6.526   1.00 0.00 ? 11 LYS A HZ2  1 
ATOM 167 H HZ3  . LYS A 1 11 ? 3.800   -3.958  6.131   1.00 0.00 ? 11 LYS A HZ3  1 
ATOM 168 N N    . LYS A 1 12 ? -0.312  -1.340  0.377   1.00 0.00 ? 12 LYS A N    1 
ATOM 169 C CA   . LYS A 1 12 ? -0.750  -1.925  -0.916  1.00 0.00 ? 12 LYS A CA   1 
ATOM 170 C C    . LYS A 1 12 ? 0.377   -1.936  -1.989  1.00 0.00 ? 12 LYS A C    1 
ATOM 171 O O    . LYS A 1 12 ? 0.442   -2.909  -2.744  1.00 0.00 ? 12 LYS A O    1 
ATOM 172 C CB   . LYS A 1 12 ? -2.067  -1.285  -1.443  1.00 0.00 ? 12 LYS A CB   1 
ATOM 173 C CG   . LYS A 1 12 ? -3.386  -1.827  -0.839  1.00 0.00 ? 12 LYS A CG   1 
ATOM 174 C CD   . LYS A 1 12 ? -3.753  -1.300  0.565   1.00 0.00 ? 12 LYS A CD   1 
ATOM 175 C CE   . LYS A 1 12 ? -5.054  -1.874  1.162   1.00 0.00 ? 12 LYS A CE   1 
ATOM 176 N NZ   . LYS A 1 12 ? -6.273  -1.388  0.486   1.00 0.00 ? 12 LYS A NZ   1 
ATOM 177 H H    . LYS A 1 12 ? -0.610  -0.407  0.668   1.00 0.00 ? 12 LYS A H    1 
ATOM 178 H HA   . LYS A 1 12 ? -0.931  -2.986  -0.701  1.00 0.00 ? 12 LYS A HA   1 
ATOM 179 H HB2  . LYS A 1 12 ? -2.028  -0.181  -1.370  1.00 0.00 ? 12 LYS A HB2  1 
ATOM 180 H HB3  . LYS A 1 12 ? -2.138  -1.478  -2.531  1.00 0.00 ? 12 LYS A HB3  1 
ATOM 181 H HG2  . LYS A 1 12 ? -4.207  -1.564  -1.533  1.00 0.00 ? 12 LYS A HG2  1 
ATOM 182 H HG3  . LYS A 1 12 ? -3.363  -2.932  -0.834  1.00 0.00 ? 12 LYS A HG3  1 
ATOM 183 H HD2  . LYS A 1 12 ? -2.932  -1.533  1.266   1.00 0.00 ? 12 LYS A HD2  1 
ATOM 184 H HD3  . LYS A 1 12 ? -3.816  -0.196  0.543   1.00 0.00 ? 12 LYS A HD3  1 
ATOM 185 H HE2  . LYS A 1 12 ? -5.034  -2.979  1.140   1.00 0.00 ? 12 LYS A HE2  1 
ATOM 186 H HE3  . LYS A 1 12 ? -5.115  -1.598  2.230   1.00 0.00 ? 12 LYS A HE3  1 
ATOM 187 H HZ2  . LYS A 1 12 ? -7.104  -1.814  0.910   1.00 0.00 ? 12 LYS A HZ2  1 
ATOM 188 H HZ3  . LYS A 1 12 ? -6.277  -1.692  -0.494  1.00 0.00 ? 12 LYS A HZ3  1 
ATOM 189 N N    . MET A 1 13 ? 1.237   -0.891  -2.083  1.00 0.00 ? 13 MET A N    1 
ATOM 190 C CA   . MET A 1 13 ? 2.382   -0.852  -3.037  1.00 0.00 ? 13 MET A CA   1 
ATOM 191 C C    . MET A 1 13 ? 3.390   -2.014  -2.739  1.00 0.00 ? 13 MET A C    1 
ATOM 192 O O    . MET A 1 13 ? 3.781   -2.745  -3.655  1.00 0.00 ? 13 MET A O    1 
ATOM 193 C CB   . MET A 1 13 ? 3.074   0.534   -3.076  1.00 0.00 ? 13 MET A CB   1 
ATOM 194 C CG   . MET A 1 13 ? 2.243   1.655   -3.717  1.00 0.00 ? 13 MET A CG   1 
ATOM 195 S SD   . MET A 1 13 ? 3.336   3.017   -4.184  1.00 0.00 ? 13 MET A SD   1 
ATOM 196 C CE   . MET A 1 13 ? 2.175   4.111   -5.026  1.00 0.00 ? 13 MET A CE   1 
ATOM 197 H H    . MET A 1 13 ? 1.067   -0.134  -1.421  1.00 0.00 ? 13 MET A H    1 
ATOM 198 H HA   . MET A 1 13 ? 1.962   -1.040  -4.030  1.00 0.00 ? 13 MET A HA   1 
ATOM 199 H HB2  . MET A 1 13 ? 3.412   0.841   -2.068  1.00 0.00 ? 13 MET A HB2  1 
ATOM 200 H HB3  . MET A 1 13 ? 4.000   0.443   -3.674  1.00 0.00 ? 13 MET A HB3  1 
ATOM 201 H HG2  . MET A 1 13 ? 1.718   1.275   -4.611  1.00 0.00 ? 13 MET A HG2  1 
ATOM 202 H HG3  . MET A 1 13 ? 1.463   2.043   -3.038  1.00 0.00 ? 13 MET A HG3  1 
ATOM 203 H HE1  . MET A 1 13 ? 1.722   3.609   -5.899  1.00 0.00 ? 13 MET A HE1  1 
ATOM 204 H HE2  . MET A 1 13 ? 1.364   4.425   -4.346  1.00 0.00 ? 13 MET A HE2  1 
ATOM 205 H HE3  . MET A 1 13 ? 2.691   5.020   -5.384  1.00 0.00 ? 13 MET A HE3  1 
ATOM 206 N N    . GLN A 1 14 ? 3.749   -2.197  -1.447  1.00 0.00 ? 14 GLN A N    1 
ATOM 207 C CA   . GLN A 1 14 ? 4.640   -3.274  -0.949  1.00 0.00 ? 14 GLN A CA   1 
ATOM 208 C C    . GLN A 1 14 ? 4.225   -4.690  -1.445  1.00 0.00 ? 14 GLN A C    1 
ATOM 209 O O    . GLN A 1 14 ? 5.046   -5.378  -2.056  1.00 0.00 ? 14 GLN A O    1 
ATOM 210 C CB   . GLN A 1 14 ? 4.676   -3.180  0.607   1.00 0.00 ? 14 GLN A CB   1 
ATOM 211 C CG   . GLN A 1 14 ? 5.794   -2.296  1.210   1.00 0.00 ? 14 GLN A CG   1 
ATOM 212 C CD   . GLN A 1 14 ? 7.237   -2.802  0.997   1.00 0.00 ? 14 GLN A CD   1 
ATOM 213 O OE1  . GLN A 1 14 ? 7.511   -4.000  0.935   1.00 0.00 ? 14 GLN A OE1  1 
ATOM 214 N NE2  . GLN A 1 14 ? 8.195   -1.893  0.900   1.00 0.00 ? 14 GLN A NE2  1 
ATOM 215 H H    . GLN A 1 14 ? 3.456   -1.437  -0.829  1.00 0.00 ? 14 GLN A H    1 
ATOM 216 H HA   . GLN A 1 14 ? 5.651   -3.077  -1.329  1.00 0.00 ? 14 GLN A HA   1 
ATOM 217 H HB2  . GLN A 1 14 ? 3.705   -2.826  1.007   1.00 0.00 ? 14 GLN A HB2  1 
ATOM 218 H HB3  . GLN A 1 14 ? 4.741   -4.195  1.029   1.00 0.00 ? 14 GLN A HB3  1 
ATOM 219 H HG2  . GLN A 1 14 ? 5.682   -1.261  0.830   1.00 0.00 ? 14 GLN A HG2  1 
ATOM 220 H HG3  . GLN A 1 14 ? 5.625   -2.214  2.299   1.00 0.00 ? 14 GLN A HG3  1 
ATOM 221 H HE21 . GLN A 1 14 ? 7.904   -0.910  0.965   1.00 0.00 ? 14 GLN A HE21 1 
ATOM 222 H HE22 . GLN A 1 14 ? 9.149   -2.244  0.766   1.00 0.00 ? 14 GLN A HE22 1 
ATOM 223 N N    . THR A 1 15 ? 2.957   -5.087  -1.203  1.00 0.00 ? 15 THR A N    1 
ATOM 224 C CA   . THR A 1 15 ? 2.422   -6.401  -1.676  1.00 0.00 ? 15 THR A CA   1 
ATOM 225 C C    . THR A 1 15 ? 2.069   -6.480  -3.192  1.00 0.00 ? 15 THR A C    1 
ATOM 226 O O    . THR A 1 15 ? 1.998   -7.601  -3.705  1.00 0.00 ? 15 THR A O    1 
ATOM 227 C CB   . THR A 1 15 ? 1.315   -6.933  -0.750  1.00 0.00 ? 15 THR A CB   1 
ATOM 228 O OG1  . THR A 1 15 ? 0.974   -8.274  -1.084  1.00 0.00 ? 15 THR A OG1  1 
ATOM 229 C CG2  . THR A 1 15 ? 0.031   -6.095  -0.736  1.00 0.00 ? 15 THR A CG2  1 
ATOM 230 H H    . THR A 1 15 ? 2.406   -4.404  -0.662  1.00 0.00 ? 15 THR A H    1 
ATOM 231 H HA   . THR A 1 15 ? 3.241   -7.119  -1.543  1.00 0.00 ? 15 THR A HA   1 
ATOM 232 H HB   . THR A 1 15 ? 1.778   -6.968  0.243   1.00 0.00 ? 15 THR A HB   1 
ATOM 233 H HG1  . THR A 1 15 ? 0.338   -8.558  -0.424  1.00 0.00 ? 15 THR A HG1  1 
ATOM 234 H HG21 . THR A 1 15 ? 0.244   -5.050  -0.455  1.00 0.00 ? 15 THR A HG21 1 
ATOM 235 H HG22 . THR A 1 15 ? -0.436  -6.078  -1.738  1.00 0.00 ? 15 THR A HG22 1 
ATOM 236 H HG23 . THR A 1 15 ? -0.700  -6.505  -0.020  1.00 0.00 ? 15 THR A HG23 1 
ATOM 237 N N    . LEU A 1 16 ? 1.842   -5.349  -3.909  1.00 0.00 ? 16 LEU A N    1 
ATOM 238 C CA   . LEU A 1 16 ? 1.561   -5.335  -5.379  1.00 0.00 ? 16 LEU A CA   1 
ATOM 239 C C    . LEU A 1 16 ? 2.713   -6.081  -6.122  1.00 0.00 ? 16 LEU A C    1 
ATOM 240 O O    . LEU A 1 16 ? 2.490   -7.066  -6.827  1.00 0.00 ? 16 LEU A O    1 
ATOM 241 C CB   . LEU A 1 16 ? 1.416   -3.855  -5.879  1.00 0.00 ? 16 LEU A CB   1 
ATOM 242 C CG   . LEU A 1 16 ? -0.037  -3.393  -6.180  1.00 0.00 ? 16 LEU A CG   1 
ATOM 243 C CD1  . LEU A 1 16 ? -0.126  -1.861  -6.310  1.00 0.00 ? 16 LEU A CD1  1 
ATOM 244 C CD2  . LEU A 1 16 ? -0.610  -4.057  -7.452  1.00 0.00 ? 16 LEU A CD2  1 
ATOM 245 H H    . LEU A 1 16 ? 1.749   -4.495  -3.355  1.00 0.00 ? 16 LEU A H    1 
ATOM 246 H HA   . LEU A 1 16 ? 0.599   -5.851  -5.543  1.00 0.00 ? 16 LEU A HA   1 
ATOM 247 H HB2  . LEU A 1 16 ? 1.888   -3.166  -5.150  1.00 0.00 ? 16 LEU A HB2  1 
ATOM 248 H HB3  . LEU A 1 16 ? 2.047   -3.681  -6.776  1.00 0.00 ? 16 LEU A HB3  1 
ATOM 249 H HG   . LEU A 1 16 ? -0.677  -3.682  -5.326  1.00 0.00 ? 16 LEU A HG   1 
ATOM 250 H HD11 . LEU A 1 16 ? 0.178   -1.356  -5.376  1.00 0.00 ? 16 LEU A HD11 1 
ATOM 251 H HD12 . LEU A 1 16 ? -1.159  -1.527  -6.522  1.00 0.00 ? 16 LEU A HD12 1 
ATOM 252 H HD13 . LEU A 1 16 ? 0.519   -1.471  -7.120  1.00 0.00 ? 16 LEU A HD13 1 
ATOM 253 H HD21 . LEU A 1 16 ? -0.623  -5.160  -7.374  1.00 0.00 ? 16 LEU A HD21 1 
ATOM 254 H HD22 . LEU A 1 16 ? -1.654  -3.744  -7.641  1.00 0.00 ? 16 LEU A HD22 1 
ATOM 255 H HD23 . LEU A 1 16 ? -0.022  -3.804  -8.354  1.00 0.00 ? 16 LEU A HD23 1 
ATOM 256 N N    . TRP A 1 17 ? 3.942   -5.605  -5.857  1.00 0.00 ? 17 TRP A N    1 
ATOM 257 C CA   . TRP A 1 17 ? 5.194   -6.176  -6.385  1.00 0.00 ? 17 TRP A CA   1 
ATOM 258 C C    . TRP A 1 17 ? 5.632   -7.470  -5.628  1.00 0.00 ? 17 TRP A C    1 
ATOM 259 O O    . TRP A 1 17 ? 6.294   -8.294  -6.264  1.00 0.00 ? 17 TRP A O    1 
ATOM 260 C CB   . TRP A 1 17 ? 6.374   -5.155  -6.486  1.00 0.00 ? 17 TRP A CB   1 
ATOM 261 C CG   . TRP A 1 17 ? 6.191   -3.685  -6.064  1.00 0.00 ? 17 TRP A CG   1 
ATOM 262 C CD1  . TRP A 1 17 ? 5.367   -2.739  -6.694  1.00 0.00 ? 17 TRP A CD1  1 
ATOM 263 C CD2  . TRP A 1 17 ? 6.749   -3.024  -4.996  1.00 0.00 ? 17 TRP A CD2  1 
ATOM 264 N NE1  . TRP A 1 17 ? 5.469   -1.464  -6.100  1.00 0.00 ? 17 TRP A NE1  1 
ATOM 265 C CE2  . TRP A 1 17 ? 6.342   -1.669  -5.044  1.00 0.00 ? 17 TRP A CE2  1 
ATOM 266 C CE3  . TRP A 1 17 ? 7.457   -3.523  -3.885  1.00 0.00 ? 17 TRP A CE3  1 
ATOM 267 C CZ2  . TRP A 1 17 ? 6.697   -0.787  -3.997  1.00 0.00 ? 17 TRP A CZ2  1 
ATOM 268 C CZ3  . TRP A 1 17 ? 7.833   -2.632  -2.877  1.00 0.00 ? 17 TRP A CZ3  1 
ATOM 269 C CH2  . TRP A 1 17 ? 7.459   -1.281  -2.933  1.00 0.00 ? 17 TRP A CH2  1 
ATOM 270 H H    . TRP A 1 17 ? 3.931   -4.770  -5.258  1.00 0.00 ? 17 TRP A H    1 
ATOM 271 H HA   . TRP A 1 17 ? 4.959   -6.490  -7.410  1.00 0.00 ? 17 TRP A HA   1 
ATOM 272 H HB2  . TRP A 1 17 ? 7.266   -5.543  -5.958  1.00 0.00 ? 17 TRP A HB2  1 
ATOM 273 H HB3  . TRP A 1 17 ? 6.713   -5.143  -7.538  1.00 0.00 ? 17 TRP A HB3  1 
ATOM 274 H HD1  . TRP A 1 17 ? 4.610   -3.045  -7.395  1.00 0.00 ? 17 TRP A HD1  1 
ATOM 275 H HE1  . TRP A 1 17 ? 4.902   -0.629  -6.278  1.00 0.00 ? 17 TRP A HE1  1 
ATOM 276 H HE3  . TRP A 1 17 ? 7.592   -4.590  -3.797  1.00 0.00 ? 17 TRP A HE3  1 
ATOM 277 H HZ2  . TRP A 1 17 ? 6.345   0.232   -4.008  1.00 0.00 ? 17 TRP A HZ2  1 
ATOM 278 H HZ3  . TRP A 1 17 ? 8.366   -3.001  -2.014  1.00 0.00 ? 17 TRP A HZ3  1 
ATOM 279 H HH2  . TRP A 1 17 ? 7.726   -0.622  -2.120  1.00 0.00 ? 17 TRP A HH2  1 
ATOM 280 N N    . ASP A 1 18 ? 5.281   -7.675  -4.326  1.00 0.00 ? 18 ASP A N    1 
ATOM 281 C CA   . ASP A 1 18 ? 5.695   -8.914  -3.585  1.00 0.00 ? 18 ASP A CA   1 
ATOM 282 C C    . ASP A 1 18 ? 5.038   -10.198 -4.195  1.00 0.00 ? 18 ASP A C    1 
ATOM 283 O O    . ASP A 1 18 ? 5.724   -11.174 -4.503  1.00 0.00 ? 18 ASP A O    1 
ATOM 284 C CB   . ASP A 1 18 ? 5.444   -8.837  -2.045  1.00 0.00 ? 18 ASP A CB   1 
ATOM 285 C CG   . ASP A 1 18 ? 6.085   -9.971  -1.227  1.00 0.00 ? 18 ASP A CG   1 
ATOM 286 O OD1  . ASP A 1 18 ? 5.462   -10.957 -0.831  1.00 0.00 ? 18 ASP A OD1  1 
ATOM 287 O OD2  . ASP A 1 18 ? 7.420   -9.758  -0.997  1.00 0.00 ? 18 ASP A OD2  1 
ATOM 288 H H    . ASP A 1 18 ? 4.864   -6.838  -3.887  1.00 0.00 ? 18 ASP A H    1 
ATOM 289 H HA   . ASP A 1 18 ? 6.792   -8.944  -3.641  1.00 0.00 ? 18 ASP A HA   1 
ATOM 290 H HB2  . ASP A 1 18 ? 5.835   -7.894  -1.609  1.00 0.00 ? 18 ASP A HB2  1 
ATOM 291 H HB3  . ASP A 1 18 ? 4.357   -8.849  -1.843  1.00 0.00 ? 18 ASP A HB3  1 
ATOM 292 H HD2  . ASP A 1 18 ? 7.816   -10.469 -0.488  1.00 0.00 ? 18 ASP A HD2  1 
ATOM 293 N N    . GLU A 1 19 ? 3.703   -10.145 -4.353  1.00 0.00 ? 19 GLU A N    1 
ATOM 294 C CA   . GLU A 1 19 ? 2.880   -11.215 -4.945  1.00 0.00 ? 19 GLU A CA   1 
ATOM 295 C C    . GLU A 1 19 ? 3.031   -11.453 -6.480  1.00 0.00 ? 19 GLU A C    1 
ATOM 296 O O    . GLU A 1 19 ? 3.012   -12.613 -6.900  1.00 0.00 ? 19 GLU A O    1 
ATOM 297 C CB   . GLU A 1 19 ? 1.397   -10.953 -4.559  1.00 0.00 ? 19 GLU A CB   1 
ATOM 298 C CG   . GLU A 1 19 ? 1.034   -11.219 -3.077  1.00 0.00 ? 19 GLU A CG   1 
ATOM 299 C CD   . GLU A 1 19 ? -0.475  -11.320 -2.839  1.00 0.00 ? 19 GLU A CD   1 
ATOM 300 O OE1  . GLU A 1 19 ? -1.082  -12.389 -2.794  1.00 0.00 ? 19 GLU A OE1  1 
ATOM 301 O OE2  . GLU A 1 19 ? -1.060  -10.089 -2.681  1.00 0.00 ? 19 GLU A OE2  1 
ATOM 302 H H    . GLU A 1 19 ? 3.278   -9.283  -4.007  1.00 0.00 ? 19 GLU A H    1 
ATOM 303 H HA   . GLU A 1 19 ? 3.193   -12.144 -4.458  1.00 0.00 ? 19 GLU A HA   1 
ATOM 304 H HB2  . GLU A 1 19 ? 1.088   -9.929  -4.847  1.00 0.00 ? 19 GLU A HB2  1 
ATOM 305 H HB3  . GLU A 1 19 ? 0.773   -11.611 -5.179  1.00 0.00 ? 19 GLU A HB3  1 
ATOM 306 H HG2  . GLU A 1 19 ? 1.526   -12.149 -2.750  1.00 0.00 ? 19 GLU A HG2  1 
ATOM 307 H HG3  . GLU A 1 19 ? 1.441   -10.446 -2.402  1.00 0.00 ? 19 GLU A HG3  1 
ATOM 308 H HE2  . GLU A 1 19 ? -0.422  -9.376  -2.748  1.00 0.00 ? 19 GLU A HE2  1 
ATOM 309 N N    . ILE A 1 20 ? 3.179   -10.395 -7.306  1.00 0.00 ? 20 ILE A N    1 
ATOM 310 C CA   . ILE A 1 20 ? 3.326   -10.506 -8.782  1.00 0.00 ? 20 ILE A CA   1 
ATOM 311 C C    . ILE A 1 20 ? 4.730   -11.066 -9.175  1.00 0.00 ? 20 ILE A C    1 
ATOM 312 O O    . ILE A 1 20 ? 4.811   -12.147 -9.766  1.00 0.00 ? 20 ILE A O    1 
ATOM 313 C CB   . ILE A 1 20 ? 2.878   -9.168  -9.489  1.00 0.00 ? 20 ILE A CB   1 
ATOM 314 C CG1  . ILE A 1 20 ? 1.359   -8.857  -9.268  1.00 0.00 ? 20 ILE A CG1  1 
ATOM 315 C CG2  . ILE A 1 20 ? 3.183   -9.165  -11.008 1.00 0.00 ? 20 ILE A CG2  1 
ATOM 316 C CD1  . ILE A 1 20 ? 0.882   -7.454  -9.683  1.00 0.00 ? 20 ILE A CD1  1 
ATOM 317 H H    . ILE A 1 20 ? 3.198   -9.483  -6.856  1.00 0.00 ? 20 ILE A H    1 
ATOM 318 H HA   . ILE A 1 20 ? 2.606   -11.264 -9.097  1.00 0.00 ? 20 ILE A HA   1 
ATOM 319 H HB   . ILE A 1 20 ? 3.465   -8.340  -9.047  1.00 0.00 ? 20 ILE A HB   1 
ATOM 320 H HG12 . ILE A 1 20 ? 0.740   -9.615  -9.784  1.00 0.00 ? 20 ILE A HG12 1 
ATOM 321 H HG13 . ILE A 1 20 ? 1.111   -8.972  -8.197  1.00 0.00 ? 20 ILE A HG13 1 
ATOM 322 H HG21 . ILE A 1 20 ? 4.262   -9.297  -11.207 1.00 0.00 ? 20 ILE A HG21 1 
ATOM 323 H HG22 . ILE A 1 20 ? 2.905   -8.209  -11.485 1.00 0.00 ? 20 ILE A HG22 1 
ATOM 324 H HG23 . ILE A 1 20 ? 2.647   -9.976  -11.533 1.00 0.00 ? 20 ILE A HG23 1 
ATOM 325 H HD11 . ILE A 1 20 ? 1.491   -6.657  -9.219  1.00 0.00 ? 20 ILE A HD11 1 
ATOM 326 H HD12 . ILE A 1 20 ? 0.922   -7.307  -10.777 1.00 0.00 ? 20 ILE A HD12 1 
ATOM 327 H HD13 . ILE A 1 20 ? -0.165  -7.286  -9.373  1.00 0.00 ? 20 ILE A HD13 1 
ATOM 328 N N    . MET A 1 21 ? 5.806   -10.326 -8.861  1.00 0.00 ? 21 MET A N    1 
ATOM 329 C CA   . MET A 1 21 ? 7.196   -10.724 -9.117  1.00 0.00 ? 21 MET A CA   1 
ATOM 330 C C    . MET A 1 21 ? 7.703   -11.517 -7.882  1.00 0.00 ? 21 MET A C    1 
ATOM 331 O O    . MET A 1 21 ? 7.785   -12.745 -7.917  1.00 0.00 ? 21 MET A O    1 
ATOM 332 C CB   . MET A 1 21 ? 8.024   -9.463  -9.477  1.00 0.00 ? 21 MET A CB   1 
ATOM 333 C CG   . MET A 1 21 ? 7.793   -8.928  -10.900 1.00 0.00 ? 21 MET A CG   1 
ATOM 334 S SD   . MET A 1 21 ? 8.902   -7.534  -11.206 1.00 0.00 ? 21 MET A SD   1 
ATOM 335 C CE   . MET A 1 21 ? 8.435   -7.100  -12.893 1.00 0.00 ? 21 MET A CE   1 
ATOM 336 H H    . MET A 1 21 ? 5.661   -9.585  -8.190  1.00 0.00 ? 21 MET A H    1 
ATOM 337 H HA   . MET A 1 21 ? 7.211   -11.391 -9.985  1.00 0.00 ? 21 MET A HA   1 
ATOM 338 H HB2  . MET A 1 21 ? 7.851   -8.650  -8.745  1.00 0.00 ? 21 MET A HB2  1 
ATOM 339 H HB3  . MET A 1 21 ? 9.087   -9.708  -9.366  1.00 0.00 ? 21 MET A HB3  1 
ATOM 340 H HG2  . MET A 1 21 ? 7.985   -9.718  -11.650 1.00 0.00 ? 21 MET A HG2  1 
ATOM 341 H HG3  . MET A 1 21 ? 6.746   -8.603  -11.033 1.00 0.00 ? 21 MET A HG3  1 
ATOM 342 H HE1  . MET A 1 21 ? 9.031   -6.241  -13.250 1.00 0.00 ? 21 MET A HE1  1 
ATOM 343 H HE2  . MET A 1 21 ? 8.607   -7.948  -13.582 1.00 0.00 ? 21 MET A HE2  1 
ATOM 344 H HE3  . MET A 1 21 ? 7.366   -6.821  -12.947 1.00 0.00 ? 21 MET A HE3  1 
# 
